data_6YYC
#
_entry.id   6YYC
#
_cell.length_a   47.596
_cell.length_b   64.174
_cell.length_c   48.262
_cell.angle_alpha   90.000
_cell.angle_beta   110.850
_cell.angle_gamma   90.000
#
_symmetry.space_group_name_H-M   'P 1 21 1'
#
loop_
_entity.id
_entity.type
_entity.pdbx_description
1 polymer 'Phosphoribosylaminoimidazole-succinocarboxamide synthase'
2 non-polymer 5-chloranyl-6-[1-[(3-fluorophenyl)methyl]pyrazol-4-yl]pyrimidin-4-amine
3 non-polymer 'SULFATE ION'
4 non-polymer 1,2-ETHANEDIOL
5 water water
#
_entity_poly.entity_id   1
_entity_poly.type   'polypeptide(L)'
_entity_poly.pdbx_seq_one_letter_code
;MSHHHHHHSMRPSLSDYQHVASGKVRELYRVDDEHLLFVATDRISAFDFVLDTPIPDKGRILTAMSVFFFGLLTVPNHLA
GPPDDPRIPEEVLGRALLVRRLDMLPVECVARGYLTGSGLLDYQRTGAVCGHVLPQGLGEASRLDPPLFTPATKADIGEH
DMNVDFAAVVGLVGAVRANQLRDETIKIYTRAAAHALHKGIILADTKFEFGVDIEGNLVLADEVFTPDSSRYWDAAHYQP
GVVQDSFDKQFVRNWLTGPESGWDRASDTPPPPLPDEVAVATRERYIEAYERISGLSFSDWIGPSA
;
_entity_poly.pdbx_strand_id   A
#
loop_
_chem_comp.id
_chem_comp.type
_chem_comp.name
_chem_comp.formula
EDO non-polymer 1,2-ETHANEDIOL 'C2 H6 O2'
Q0Z non-polymer 5-chloranyl-6-[1-[(3-fluorophenyl)methyl]pyrazol-4-yl]pyrimidin-4-amine 'C14 H11 Cl F N5'
SO4 non-polymer 'SULFATE ION' 'O4 S -2'
#
# COMPACT_ATOMS: atom_id res chain seq x y z
N MET A 10 -2.86 1.71 -31.50
CA MET A 10 -2.62 0.27 -31.37
C MET A 10 -1.69 -0.02 -30.20
N ARG A 11 -2.22 -0.73 -29.20
CA ARG A 11 -1.44 -1.17 -28.06
C ARG A 11 -1.42 -2.69 -28.05
N PRO A 12 -0.39 -3.28 -27.44
CA PRO A 12 -0.38 -4.74 -27.38
C PRO A 12 -1.51 -5.25 -26.52
N SER A 13 -1.80 -6.54 -26.65
CA SER A 13 -2.73 -7.18 -25.77
C SER A 13 -1.99 -7.66 -24.54
N LEU A 14 -2.68 -7.64 -23.40
CA LEU A 14 -2.16 -8.22 -22.20
C LEU A 14 -1.71 -9.67 -22.43
N SER A 15 -2.37 -10.36 -23.35
CA SER A 15 -2.06 -11.75 -23.66
C SER A 15 -0.74 -11.92 -24.42
N ASP A 16 -0.14 -10.81 -24.86
CA ASP A 16 1.19 -10.83 -25.46
C ASP A 16 2.28 -10.95 -24.40
N TYR A 17 1.93 -10.72 -23.13
CA TYR A 17 2.89 -10.69 -22.03
C TYR A 17 2.71 -11.92 -21.15
N GLN A 18 3.75 -12.31 -20.42
CA GLN A 18 3.65 -13.49 -19.57
C GLN A 18 3.33 -13.11 -18.13
N HIS A 19 2.25 -13.65 -17.60
CA HIS A 19 1.89 -13.49 -16.20
C HIS A 19 2.96 -14.12 -15.32
N VAL A 20 3.48 -13.36 -14.36
CA VAL A 20 4.51 -13.89 -13.46
C VAL A 20 4.13 -13.87 -11.99
N ALA A 21 3.18 -13.03 -11.60
CA ALA A 21 2.76 -12.96 -10.21
C ALA A 21 1.36 -12.39 -10.05
N SER A 22 0.70 -12.81 -8.99
CA SER A 22 -0.58 -12.27 -8.58
C SER A 22 -0.62 -12.02 -7.08
N GLY A 23 -1.16 -10.86 -6.70
CA GLY A 23 -1.47 -10.56 -5.32
C GLY A 23 -2.97 -10.52 -5.19
N LYS A 24 -3.45 -10.16 -4.01
CA LYS A 24 -4.89 -10.10 -3.76
C LYS A 24 -5.63 -9.18 -4.74
N VAL A 25 -5.02 -8.03 -5.04
CA VAL A 25 -5.68 -7.01 -5.85
C VAL A 25 -4.73 -6.41 -6.88
N ARG A 26 -3.65 -7.11 -7.21
CA ARG A 26 -2.72 -6.64 -8.22
C ARG A 26 -2.11 -7.81 -8.98
N GLU A 27 -1.53 -7.52 -10.15
CA GLU A 27 -0.96 -8.55 -11.00
C GLU A 27 0.37 -8.06 -11.57
N LEU A 28 1.22 -8.99 -11.99
CA LEU A 28 2.51 -8.64 -12.56
C LEU A 28 2.78 -9.44 -13.84
N TYR A 29 3.27 -8.74 -14.85
CA TYR A 29 3.55 -9.38 -16.13
C TYR A 29 4.94 -9.08 -16.64
N ARG A 30 5.57 -10.07 -17.26
CA ARG A 30 6.84 -9.87 -17.95
C ARG A 30 6.61 -9.25 -19.32
N VAL A 31 7.24 -8.12 -19.57
CA VAL A 31 7.17 -7.46 -20.87
C VAL A 31 8.37 -7.87 -21.74
N ASP A 32 9.58 -7.76 -21.19
CA ASP A 32 10.75 -8.38 -21.81
C ASP A 32 11.75 -8.70 -20.71
N ASP A 33 12.99 -8.99 -21.08
CA ASP A 33 14.00 -9.41 -20.11
C ASP A 33 14.27 -8.38 -19.02
N GLU A 34 14.01 -7.11 -19.31
CA GLU A 34 14.33 -6.06 -18.35
C GLU A 34 13.15 -5.22 -17.90
N HIS A 35 11.95 -5.56 -18.37
CA HIS A 35 10.78 -4.79 -17.97
C HIS A 35 9.62 -5.65 -17.57
N LEU A 36 8.85 -5.15 -16.61
CA LEU A 36 7.59 -5.77 -16.20
C LEU A 36 6.43 -4.79 -16.35
N LEU A 37 5.22 -5.34 -16.28
CA LEU A 37 3.99 -4.56 -16.28
C LEU A 37 3.32 -4.76 -14.93
N PHE A 38 3.21 -3.68 -14.18
CA PHE A 38 2.72 -3.67 -12.79
C PHE A 38 1.25 -3.24 -12.84
N VAL A 39 0.33 -4.16 -12.58
CA VAL A 39 -1.10 -3.91 -12.82
C VAL A 39 -1.94 -3.86 -11.53
N ALA A 40 -2.60 -2.72 -11.30
CA ALA A 40 -3.57 -2.61 -10.22
C ALA A 40 -4.93 -3.03 -10.75
N THR A 41 -5.67 -3.80 -9.95
CA THR A 41 -7.02 -4.20 -10.35
C THR A 41 -8.06 -3.38 -9.60
N ASP A 42 -9.33 -3.63 -9.90
CA ASP A 42 -10.41 -2.93 -9.23
C ASP A 42 -10.90 -3.70 -8.01
N ARG A 43 -10.32 -4.87 -7.76
CA ARG A 43 -10.73 -5.63 -6.59
C ARG A 43 -10.33 -4.93 -5.31
N ILE A 44 -11.09 -5.20 -4.26
CA ILE A 44 -10.87 -4.62 -2.96
C ILE A 44 -10.92 -5.71 -1.89
N SER A 45 -10.08 -5.56 -0.87
CA SER A 45 -10.02 -6.52 0.21
CA SER A 45 -10.01 -6.52 0.22
C SER A 45 -10.51 -5.90 1.52
N ALA A 46 -11.25 -6.68 2.30
CA ALA A 46 -11.74 -6.26 3.60
C ALA A 46 -11.79 -7.51 4.47
N PHE A 47 -11.32 -7.39 5.71
CA PHE A 47 -11.30 -8.51 6.65
C PHE A 47 -10.57 -9.72 6.07
N ASP A 48 -9.51 -9.44 5.32
CA ASP A 48 -8.64 -10.46 4.71
C ASP A 48 -9.34 -11.28 3.64
N PHE A 49 -10.48 -10.79 3.18
CA PHE A 49 -11.16 -11.38 2.04
C PHE A 49 -11.12 -10.45 0.85
N VAL A 50 -10.81 -10.99 -0.33
CA VAL A 50 -11.03 -10.24 -1.55
C VAL A 50 -12.53 -10.28 -1.87
N LEU A 51 -13.16 -9.12 -1.93
CA LEU A 51 -14.61 -9.07 -2.05
C LEU A 51 -15.07 -9.38 -3.47
N ASP A 52 -16.32 -9.85 -3.58
CA ASP A 52 -16.88 -10.20 -4.89
C ASP A 52 -17.07 -8.99 -5.79
N THR A 53 -17.29 -7.84 -5.17
CA THR A 53 -17.68 -6.63 -5.87
C THR A 53 -16.47 -5.74 -6.14
N PRO A 54 -16.15 -5.50 -7.42
CA PRO A 54 -15.05 -4.58 -7.70
C PRO A 54 -15.46 -3.15 -7.38
N ILE A 55 -14.48 -2.29 -7.11
CA ILE A 55 -14.74 -0.87 -6.98
C ILE A 55 -14.38 -0.19 -8.30
N PRO A 56 -15.34 0.43 -8.98
CA PRO A 56 -15.07 1.05 -10.28
C PRO A 56 -13.94 2.07 -10.17
N ASP A 57 -12.98 1.96 -11.08
CA ASP A 57 -11.84 2.87 -11.22
C ASP A 57 -10.81 2.81 -10.08
N LYS A 58 -10.97 1.90 -9.12
CA LYS A 58 -10.01 1.79 -8.01
C LYS A 58 -8.59 1.55 -8.51
N GLY A 59 -8.44 0.67 -9.50
CA GLY A 59 -7.12 0.41 -10.06
C GLY A 59 -6.46 1.66 -10.62
N ARG A 60 -7.22 2.42 -11.41
CA ARG A 60 -6.75 3.68 -11.98
C ARG A 60 -6.45 4.72 -10.92
N ILE A 61 -7.30 4.83 -9.91
CA ILE A 61 -7.13 5.84 -8.89
C ILE A 61 -5.86 5.54 -8.08
N LEU A 62 -5.66 4.29 -7.69
CA LEU A 62 -4.48 3.94 -6.88
C LEU A 62 -3.20 4.06 -7.69
N THR A 63 -3.27 3.77 -8.99
CA THR A 63 -2.11 3.94 -9.86
C THR A 63 -1.76 5.43 -9.95
N ALA A 64 -2.75 6.28 -10.19
CA ALA A 64 -2.54 7.73 -10.17
C ALA A 64 -1.90 8.20 -8.88
N MET A 65 -2.37 7.68 -7.76
CA MET A 65 -1.87 8.00 -6.44
C MET A 65 -0.39 7.66 -6.34
N SER A 66 -0.06 6.44 -6.77
CA SER A 66 1.31 5.95 -6.70
CA SER A 66 1.30 5.95 -6.70
C SER A 66 2.23 6.82 -7.54
N VAL A 67 1.79 7.15 -8.74
CA VAL A 67 2.53 8.00 -9.66
C VAL A 67 2.77 9.38 -9.05
N PHE A 68 1.76 9.93 -8.40
CA PHE A 68 1.93 11.22 -7.75
C PHE A 68 3.01 11.14 -6.67
N PHE A 69 2.93 10.15 -5.80
CA PHE A 69 3.85 10.05 -4.68
C PHE A 69 5.28 9.76 -5.18
N PHE A 70 5.42 8.96 -6.23
CA PHE A 70 6.75 8.77 -6.85
C PHE A 70 7.35 10.11 -7.26
N GLY A 71 6.52 10.97 -7.83
CA GLY A 71 6.95 12.28 -8.29
C GLY A 71 7.37 13.18 -7.15
N LEU A 72 6.76 12.98 -5.99
CA LEU A 72 7.00 13.78 -4.80
C LEU A 72 8.29 13.37 -4.11
N LEU A 73 8.59 12.08 -4.16
CA LEU A 73 9.75 11.54 -3.47
C LEU A 73 11.00 11.60 -4.34
N THR A 74 12.15 11.86 -3.74
CA THR A 74 13.37 12.01 -4.55
C THR A 74 14.09 10.69 -4.78
N VAL A 75 13.63 9.63 -4.14
CA VAL A 75 14.34 8.35 -4.24
C VAL A 75 14.20 7.71 -5.63
N PRO A 76 15.23 6.98 -6.06
CA PRO A 76 15.14 6.22 -7.31
C PRO A 76 13.96 5.27 -7.26
N ASN A 77 13.22 5.14 -8.34
CA ASN A 77 12.12 4.20 -8.35
C ASN A 77 12.12 3.40 -9.63
N HIS A 78 11.25 2.41 -9.68
CA HIS A 78 11.36 1.41 -10.72
C HIS A 78 10.54 1.74 -11.97
N LEU A 79 9.94 2.94 -12.01
CA LEU A 79 9.13 3.33 -13.17
C LEU A 79 10.03 3.44 -14.39
N ALA A 80 9.57 2.90 -15.52
CA ALA A 80 10.40 2.78 -16.70
C ALA A 80 9.74 3.43 -17.91
N GLY A 81 8.62 4.11 -17.68
CA GLY A 81 7.93 4.80 -18.75
C GLY A 81 6.76 5.61 -18.24
N PRO A 82 6.16 6.44 -19.10
CA PRO A 82 5.03 7.29 -18.75
C PRO A 82 3.75 6.46 -18.60
N PRO A 83 2.71 7.02 -17.95
CA PRO A 83 1.45 6.29 -17.74
C PRO A 83 0.76 5.89 -19.04
N ASP A 84 1.13 6.51 -20.15
CA ASP A 84 0.52 6.20 -21.44
C ASP A 84 1.49 5.50 -22.38
N ASP A 85 2.60 5.00 -21.83
CA ASP A 85 3.57 4.21 -22.60
C ASP A 85 2.88 3.22 -23.54
N PRO A 86 3.26 3.20 -24.83
CA PRO A 86 2.58 2.37 -25.83
C PRO A 86 2.68 0.87 -25.54
N ARG A 87 3.54 0.47 -24.61
CA ARG A 87 3.64 -0.94 -24.23
C ARG A 87 2.51 -1.36 -23.30
N ILE A 88 1.80 -0.39 -22.73
CA ILE A 88 0.67 -0.68 -21.84
C ILE A 88 -0.60 -1.05 -22.64
N PRO A 89 -1.17 -2.25 -22.38
CA PRO A 89 -2.40 -2.59 -23.12
C PRO A 89 -3.58 -1.68 -22.81
N GLU A 90 -4.46 -1.50 -23.78
CA GLU A 90 -5.65 -0.68 -23.60
C GLU A 90 -6.47 -1.11 -22.39
N GLU A 91 -6.59 -2.43 -22.22
CA GLU A 91 -7.40 -3.02 -21.18
C GLU A 91 -6.99 -2.61 -19.76
N VAL A 92 -5.72 -2.27 -19.57
CA VAL A 92 -5.23 -1.88 -18.26
C VAL A 92 -4.72 -0.44 -18.23
N LEU A 93 -5.05 0.33 -19.25
CA LEU A 93 -4.54 1.68 -19.39
C LEU A 93 -5.01 2.56 -18.24
N GLY A 94 -4.07 3.21 -17.57
CA GLY A 94 -4.38 4.00 -16.40
C GLY A 94 -4.23 3.24 -15.09
N ARG A 95 -4.18 1.91 -15.15
CA ARG A 95 -4.00 1.12 -13.92
C ARG A 95 -2.82 0.13 -14.05
N ALA A 96 -1.91 0.43 -14.97
CA ALA A 96 -0.73 -0.39 -15.15
C ALA A 96 0.43 0.51 -15.53
N LEU A 97 1.61 0.17 -15.03
CA LEU A 97 2.81 0.94 -15.31
C LEU A 97 3.90 0.01 -15.80
N LEU A 98 4.73 0.50 -16.72
CA LEU A 98 5.91 -0.23 -17.15
C LEU A 98 7.01 0.02 -16.12
N VAL A 99 7.65 -1.04 -15.62
CA VAL A 99 8.69 -0.88 -14.60
C VAL A 99 9.95 -1.66 -14.95
N ARG A 100 11.07 -1.24 -14.38
CA ARG A 100 12.34 -1.94 -14.59
C ARG A 100 12.40 -3.20 -13.76
N ARG A 101 12.89 -4.30 -14.32
CA ARG A 101 13.05 -5.50 -13.53
C ARG A 101 14.26 -5.32 -12.61
N LEU A 102 14.08 -5.67 -11.34
CA LEU A 102 15.08 -5.51 -10.30
C LEU A 102 15.29 -6.80 -9.51
N ASP A 103 16.41 -6.89 -8.79
CA ASP A 103 16.56 -7.97 -7.84
C ASP A 103 15.89 -7.52 -6.54
N MET A 104 14.73 -8.09 -6.27
CA MET A 104 13.96 -7.66 -5.13
C MET A 104 14.57 -8.11 -3.81
N LEU A 105 14.55 -7.20 -2.84
CA LEU A 105 14.96 -7.52 -1.48
C LEU A 105 13.82 -8.14 -0.69
N PRO A 106 14.08 -9.27 -0.02
CA PRO A 106 13.06 -10.05 0.67
C PRO A 106 12.61 -9.44 2.00
N VAL A 107 12.31 -8.14 2.00
CA VAL A 107 11.87 -7.45 3.20
C VAL A 107 10.64 -6.60 2.90
N GLU A 108 9.59 -6.75 3.69
CA GLU A 108 8.52 -5.80 3.64
C GLU A 108 8.86 -4.63 4.53
N CYS A 109 9.21 -3.51 3.92
CA CYS A 109 9.60 -2.33 4.68
C CYS A 109 8.39 -1.56 5.14
N VAL A 110 8.26 -1.39 6.46
CA VAL A 110 7.12 -0.72 7.04
C VAL A 110 7.57 0.40 7.96
N ALA A 111 6.91 1.54 7.80
CA ALA A 111 7.03 2.64 8.71
C ALA A 111 5.70 2.85 9.40
N ARG A 112 5.73 3.11 10.71
CA ARG A 112 4.51 3.42 11.47
C ARG A 112 4.65 4.77 12.16
N GLY A 113 3.77 5.69 11.83
CA GLY A 113 3.69 6.97 12.48
C GLY A 113 2.73 6.94 13.66
N TYR A 114 1.88 5.91 13.68
CA TYR A 114 0.83 5.77 14.69
C TYR A 114 0.75 4.30 15.10
N LEU A 115 0.29 4.05 16.30
CA LEU A 115 0.31 2.70 16.83
C LEU A 115 -1.06 2.02 16.64
N THR A 116 -1.14 1.07 15.70
CA THR A 116 -2.38 0.36 15.44
C THR A 116 -2.05 -1.02 14.85
N GLY A 117 -3.07 -1.84 14.62
CA GLY A 117 -2.85 -3.13 14.01
C GLY A 117 -1.87 -4.04 14.75
N SER A 118 -1.03 -4.72 14.00
CA SER A 118 -0.14 -5.71 14.58
C SER A 118 0.92 -4.99 15.42
N GLY A 119 1.18 -3.73 15.09
CA GLY A 119 2.10 -2.92 15.85
C GLY A 119 1.60 -2.70 17.26
N LEU A 120 0.35 -2.25 17.38
CA LEU A 120 -0.28 -2.06 18.68
C LEU A 120 -0.35 -3.38 19.46
N LEU A 121 -0.68 -4.47 18.78
CA LEU A 121 -0.85 -5.76 19.44
C LEU A 121 0.48 -6.23 20.02
N ASP A 122 1.55 -6.09 19.24
CA ASP A 122 2.87 -6.47 19.71
C ASP A 122 3.25 -5.66 20.93
N TYR A 123 2.96 -4.36 20.88
CA TYR A 123 3.21 -3.47 22.01
C TYR A 123 2.40 -3.88 23.25
N GLN A 124 1.13 -4.22 23.04
CA GLN A 124 0.27 -4.60 24.15
C GLN A 124 0.69 -5.95 24.74
N ARG A 125 1.28 -6.79 23.92
CA ARG A 125 1.76 -8.08 24.40
C ARG A 125 3.13 -8.03 25.06
N THR A 126 4.02 -7.13 24.62
CA THR A 126 5.44 -7.21 24.99
C THR A 126 6.05 -5.89 25.41
N GLY A 127 5.37 -4.78 25.12
CA GLY A 127 5.92 -3.45 25.33
C GLY A 127 6.86 -2.97 24.24
N ALA A 128 7.00 -3.76 23.18
CA ALA A 128 7.91 -3.46 22.09
C ALA A 128 7.30 -3.87 20.75
N VAL A 129 7.78 -3.23 19.69
CA VAL A 129 7.39 -3.53 18.31
C VAL A 129 8.63 -3.64 17.42
N CYS A 130 8.86 -4.83 16.85
CA CYS A 130 9.98 -5.05 15.93
C CYS A 130 11.31 -4.62 16.52
N GLY A 131 11.47 -4.87 17.82
CA GLY A 131 12.70 -4.55 18.50
C GLY A 131 12.72 -3.17 19.13
N HIS A 132 11.69 -2.37 18.89
CA HIS A 132 11.61 -1.05 19.50
C HIS A 132 10.86 -1.08 20.82
N VAL A 133 11.57 -0.88 21.92
CA VAL A 133 10.94 -0.76 23.22
C VAL A 133 10.36 0.64 23.35
N LEU A 134 9.05 0.70 23.56
CA LEU A 134 8.32 1.97 23.50
C LEU A 134 8.00 2.52 24.89
N PRO A 135 7.65 3.81 24.98
CA PRO A 135 7.22 4.35 26.27
C PRO A 135 5.98 3.62 26.80
N GLN A 136 5.77 3.62 28.10
CA GLN A 136 4.54 3.06 28.65
C GLN A 136 3.40 4.04 28.37
N GLY A 137 2.17 3.54 28.39
CA GLY A 137 1.01 4.41 28.34
C GLY A 137 0.45 4.68 26.96
N LEU A 138 0.97 3.99 25.94
CA LEU A 138 0.46 4.16 24.58
C LEU A 138 -0.74 3.26 24.38
N GLY A 139 -1.51 3.57 23.34
CA GLY A 139 -2.72 2.83 23.06
C GLY A 139 -3.10 2.98 21.59
N GLU A 140 -4.32 2.56 21.27
CA GLU A 140 -4.83 2.61 19.91
C GLU A 140 -4.69 4.01 19.29
N ALA A 141 -4.07 4.05 18.11
CA ALA A 141 -3.89 5.27 17.31
C ALA A 141 -3.02 6.34 17.99
N SER A 142 -2.26 5.94 19.01
CA SER A 142 -1.21 6.81 19.57
C SER A 142 -0.20 7.25 18.52
N ARG A 143 0.10 8.53 18.50
CA ARG A 143 1.18 9.04 17.68
C ARG A 143 2.54 8.49 18.14
N LEU A 144 3.32 7.99 17.19
CA LEU A 144 4.70 7.58 17.42
C LEU A 144 5.62 8.66 16.88
N ASP A 145 6.55 9.11 17.71
CA ASP A 145 7.52 10.09 17.25
C ASP A 145 8.87 9.77 17.88
N PRO A 146 9.87 9.50 17.05
CA PRO A 146 9.85 9.45 15.59
C PRO A 146 9.09 8.23 15.07
N PRO A 147 8.81 8.20 13.76
CA PRO A 147 8.16 7.02 13.20
C PRO A 147 9.03 5.79 13.38
N LEU A 148 8.41 4.63 13.52
CA LEU A 148 9.11 3.38 13.68
C LEU A 148 9.28 2.60 12.40
N PHE A 149 10.49 2.09 12.19
CA PHE A 149 10.75 1.07 11.21
C PHE A 149 10.34 -0.28 11.76
N THR A 150 9.27 -0.84 11.22
CA THR A 150 8.74 -2.09 11.74
C THR A 150 8.64 -3.13 10.63
N PRO A 151 9.79 -3.68 10.22
CA PRO A 151 9.83 -4.55 9.05
C PRO A 151 9.11 -5.87 9.27
N ALA A 152 8.75 -6.51 8.16
CA ALA A 152 8.07 -7.79 8.21
C ALA A 152 8.54 -8.67 7.06
N THR A 153 8.27 -9.96 7.19
CA THR A 153 8.56 -10.91 6.12
C THR A 153 7.28 -11.55 5.65
N LYS A 154 7.21 -11.87 4.36
CA LYS A 154 6.04 -12.60 3.86
C LYS A 154 5.99 -14.00 4.47
N ALA A 155 4.77 -14.48 4.69
CA ALA A 155 4.57 -15.83 5.20
C ALA A 155 3.87 -16.65 4.12
N ASP A 156 3.26 -17.75 4.53
CA ASP A 156 2.52 -18.61 3.60
C ASP A 156 1.35 -17.85 2.99
N ILE A 157 0.81 -18.38 1.89
CA ILE A 157 -0.34 -17.78 1.23
C ILE A 157 -1.51 -17.63 2.19
N GLY A 158 -2.15 -16.46 2.16
CA GLY A 158 -3.29 -16.20 3.01
C GLY A 158 -2.94 -15.86 4.45
N GLU A 159 -1.65 -15.90 4.78
CA GLU A 159 -1.20 -15.56 6.12
C GLU A 159 -0.69 -14.11 6.18
N HIS A 160 -0.77 -13.51 7.36
CA HIS A 160 -0.28 -12.16 7.56
C HIS A 160 1.26 -12.17 7.58
N ASP A 161 1.86 -11.07 7.14
CA ASP A 161 3.31 -10.92 7.21
C ASP A 161 3.75 -11.05 8.65
N MET A 162 4.95 -11.59 8.86
CA MET A 162 5.46 -11.75 10.21
C MET A 162 6.37 -10.58 10.59
N ASN A 163 6.02 -9.88 11.67
CA ASN A 163 6.84 -8.77 12.14
C ASN A 163 8.18 -9.28 12.64
N VAL A 164 9.25 -8.59 12.25
CA VAL A 164 10.61 -8.97 12.64
C VAL A 164 11.39 -7.75 13.07
N ASP A 165 12.53 -7.96 13.74
CA ASP A 165 13.29 -6.82 14.22
C ASP A 165 14.42 -6.49 13.24
N PHE A 166 15.22 -5.50 13.60
CA PHE A 166 16.26 -5.02 12.70
C PHE A 166 17.30 -6.11 12.44
N ALA A 167 17.62 -6.89 13.47
CA ALA A 167 18.60 -7.97 13.33
C ALA A 167 18.14 -8.96 12.27
N ALA A 168 16.83 -9.19 12.20
CA ALA A 168 16.30 -10.09 11.19
C ALA A 168 16.52 -9.50 9.78
N VAL A 169 16.32 -8.19 9.64
CA VAL A 169 16.59 -7.54 8.36
C VAL A 169 18.09 -7.64 8.00
N VAL A 170 18.95 -7.39 8.97
CA VAL A 170 20.37 -7.59 8.71
C VAL A 170 20.63 -8.99 8.13
N GLY A 171 20.05 -10.01 8.75
CA GLY A 171 20.29 -11.38 8.33
C GLY A 171 19.73 -11.64 6.96
N LEU A 172 18.80 -10.81 6.53
CA LEU A 172 18.22 -11.00 5.21
C LEU A 172 18.96 -10.32 4.07
N VAL A 173 19.52 -9.14 4.31
CA VAL A 173 20.03 -8.31 3.22
C VAL A 173 21.42 -7.74 3.44
N GLY A 174 21.98 -7.96 4.62
CA GLY A 174 23.29 -7.42 4.99
C GLY A 174 23.19 -6.23 5.91
N ALA A 175 24.23 -5.99 6.69
CA ALA A 175 24.19 -4.97 7.72
C ALA A 175 24.05 -3.56 7.15
N VAL A 176 24.90 -3.23 6.17
CA VAL A 176 24.86 -1.88 5.60
C VAL A 176 23.55 -1.68 4.85
N ARG A 177 23.16 -2.66 4.06
CA ARG A 177 21.89 -2.54 3.34
C ARG A 177 20.69 -2.39 4.28
N ALA A 178 20.70 -3.13 5.39
CA ALA A 178 19.61 -3.02 6.36
C ALA A 178 19.50 -1.60 6.90
N ASN A 179 20.64 -1.00 7.26
CA ASN A 179 20.69 0.41 7.66
CA ASN A 179 20.62 0.39 7.69
C ASN A 179 20.07 1.32 6.62
N GLN A 180 20.42 1.06 5.36
CA GLN A 180 19.89 1.83 4.26
C GLN A 180 18.37 1.66 4.17
N LEU A 181 17.86 0.43 4.27
CA LEU A 181 16.41 0.20 4.20
C LEU A 181 15.71 0.95 5.31
N ARG A 182 16.25 0.89 6.52
CA ARG A 182 15.66 1.57 7.66
CA ARG A 182 15.65 1.57 7.66
C ARG A 182 15.60 3.08 7.44
N ASP A 183 16.73 3.67 7.08
CA ASP A 183 16.79 5.11 6.89
C ASP A 183 15.90 5.59 5.75
N GLU A 184 15.98 4.91 4.62
CA GLU A 184 15.18 5.33 3.47
C GLU A 184 13.69 5.19 3.73
N THR A 185 13.27 4.07 4.34
CA THR A 185 11.85 3.84 4.66
C THR A 185 11.33 4.96 5.55
N ILE A 186 12.08 5.31 6.59
CA ILE A 186 11.62 6.38 7.48
C ILE A 186 11.64 7.75 6.80
N LYS A 187 12.68 8.03 6.00
CA LYS A 187 12.74 9.28 5.24
C LYS A 187 11.55 9.43 4.27
N ILE A 188 11.30 8.38 3.52
CA ILE A 188 10.21 8.38 2.54
C ILE A 188 8.83 8.53 3.23
N TYR A 189 8.60 7.77 4.29
CA TYR A 189 7.35 7.88 5.03
C TYR A 189 7.16 9.30 5.58
N THR A 190 8.20 9.82 6.22
CA THR A 190 8.13 11.14 6.84
C THR A 190 7.71 12.21 5.83
N ARG A 191 8.31 12.17 4.65
CA ARG A 191 8.01 13.14 3.60
C ARG A 191 6.56 13.03 3.15
N ALA A 192 6.17 11.81 2.78
CA ALA A 192 4.81 11.55 2.31
C ALA A 192 3.74 11.88 3.35
N ALA A 193 3.99 11.50 4.59
CA ALA A 193 3.01 11.69 5.67
C ALA A 193 2.81 13.18 5.95
N ALA A 194 3.90 13.94 6.02
CA ALA A 194 3.78 15.37 6.22
C ALA A 194 3.00 16.04 5.07
N HIS A 195 3.27 15.63 3.84
CA HIS A 195 2.53 16.16 2.70
C HIS A 195 1.04 15.85 2.81
N ALA A 196 0.71 14.61 3.11
CA ALA A 196 -0.69 14.19 3.19
C ALA A 196 -1.40 14.94 4.32
N LEU A 197 -0.73 15.08 5.46
CA LEU A 197 -1.37 15.71 6.61
C LEU A 197 -1.64 17.17 6.33
N HIS A 198 -0.77 17.79 5.54
CA HIS A 198 -0.93 19.19 5.18
C HIS A 198 -2.21 19.35 4.36
N LYS A 199 -2.60 18.27 3.69
CA LYS A 199 -3.81 18.24 2.87
C LYS A 199 -5.00 17.60 3.60
N GLY A 200 -4.86 17.32 4.89
CA GLY A 200 -5.98 16.83 5.66
C GLY A 200 -6.12 15.33 5.80
N ILE A 201 -5.15 14.58 5.31
CA ILE A 201 -5.15 13.13 5.43
C ILE A 201 -3.93 12.62 6.19
N ILE A 202 -4.15 11.81 7.23
CA ILE A 202 -3.07 11.15 7.94
C ILE A 202 -2.72 9.83 7.24
N LEU A 203 -1.45 9.66 6.90
CA LEU A 203 -0.95 8.35 6.49
C LEU A 203 -0.37 7.73 7.74
N ALA A 204 -1.09 6.79 8.34
CA ALA A 204 -0.73 6.30 9.68
C ALA A 204 0.47 5.37 9.63
N ASP A 205 0.63 4.72 8.50
CA ASP A 205 1.71 3.77 8.28
C ASP A 205 1.80 3.49 6.78
N THR A 206 2.82 2.74 6.39
CA THR A 206 3.00 2.37 5.00
C THR A 206 3.88 1.14 4.91
N LYS A 207 3.70 0.38 3.84
CA LYS A 207 4.53 -0.77 3.52
C LYS A 207 4.96 -0.71 2.07
N PHE A 208 6.22 -0.99 1.81
CA PHE A 208 6.66 -1.16 0.42
C PHE A 208 7.91 -2.02 0.36
N GLU A 209 8.23 -2.46 -0.85
CA GLU A 209 9.40 -3.27 -1.13
C GLU A 209 10.38 -2.49 -1.96
N PHE A 210 11.66 -2.83 -1.80
CA PHE A 210 12.73 -2.27 -2.62
C PHE A 210 13.38 -3.35 -3.46
N GLY A 211 14.00 -2.95 -4.55
CA GLY A 211 14.87 -3.85 -5.29
C GLY A 211 16.23 -3.21 -5.47
N VAL A 212 17.15 -3.96 -6.04
CA VAL A 212 18.47 -3.43 -6.34
CA VAL A 212 18.50 -3.49 -6.32
C VAL A 212 18.76 -3.57 -7.83
N ASP A 213 19.30 -2.52 -8.42
CA ASP A 213 19.61 -2.54 -9.85
C ASP A 213 21.00 -3.11 -10.12
N ILE A 214 21.40 -3.10 -11.38
CA ILE A 214 22.67 -3.68 -11.82
C ILE A 214 23.90 -3.04 -11.18
N GLU A 215 23.78 -1.76 -10.86
CA GLU A 215 24.87 -1.02 -10.23
C GLU A 215 24.83 -1.17 -8.73
N GLY A 216 23.82 -1.88 -8.23
CA GLY A 216 23.70 -2.10 -6.81
C GLY A 216 22.95 -1.06 -6.08
N ASN A 217 22.27 -0.15 -6.76
CA ASN A 217 21.62 0.90 -6.02
C ASN A 217 20.22 0.52 -5.59
N LEU A 218 19.78 1.03 -4.46
CA LEU A 218 18.45 0.76 -3.93
C LEU A 218 17.41 1.51 -4.74
N VAL A 219 16.34 0.80 -5.11
CA VAL A 219 15.29 1.35 -5.95
C VAL A 219 13.95 1.00 -5.34
N LEU A 220 13.14 2.02 -5.06
CA LEU A 220 11.78 1.79 -4.57
C LEU A 220 10.94 1.13 -5.66
N ALA A 221 10.31 -0.02 -5.35
CA ALA A 221 9.75 -0.89 -6.38
C ALA A 221 8.46 -1.54 -5.92
N ASP A 222 7.42 -0.73 -5.77
CA ASP A 222 6.15 -1.18 -5.25
C ASP A 222 5.10 -0.16 -5.62
N GLU A 223 3.87 -0.41 -5.22
CA GLU A 223 2.91 0.68 -5.22
C GLU A 223 3.27 1.49 -4.00
N VAL A 224 3.12 2.80 -4.08
CA VAL A 224 3.58 3.63 -2.97
C VAL A 224 2.48 4.54 -2.44
N PHE A 225 2.21 4.38 -1.14
CA PHE A 225 1.28 5.21 -0.40
C PHE A 225 -0.12 5.19 -0.99
N THR A 226 -0.55 3.99 -1.34
CA THR A 226 -1.95 3.79 -1.70
C THR A 226 -2.72 3.46 -0.42
N PRO A 227 -4.05 3.60 -0.45
CA PRO A 227 -4.85 3.18 0.70
C PRO A 227 -4.78 1.67 0.95
N ASP A 228 -4.22 0.91 0.01
CA ASP A 228 -4.04 -0.52 0.22
C ASP A 228 -2.71 -0.81 0.92
N SER A 229 -1.71 0.02 0.65
CA SER A 229 -0.36 -0.15 1.22
C SER A 229 -0.18 0.63 2.51
N SER A 230 -1.12 1.53 2.78
CA SER A 230 -1.00 2.54 3.81
C SER A 230 -2.34 2.80 4.47
N ARG A 231 -2.39 2.93 5.78
CA ARG A 231 -3.66 3.34 6.41
C ARG A 231 -3.94 4.82 6.19
N TYR A 232 -4.96 5.10 5.39
CA TYR A 232 -5.45 6.46 5.25
C TYR A 232 -6.49 6.80 6.31
N TRP A 233 -6.29 7.91 7.01
CA TRP A 233 -7.23 8.42 8.01
C TRP A 233 -7.61 9.85 7.70
N ASP A 234 -8.84 10.24 8.05
CA ASP A 234 -9.20 11.64 7.98
C ASP A 234 -8.60 12.42 9.16
N ALA A 235 -7.74 13.38 8.87
CA ALA A 235 -7.07 14.11 9.94
C ALA A 235 -8.05 14.91 10.79
N ALA A 236 -9.13 15.39 10.17
CA ALA A 236 -10.10 16.23 10.87
C ALA A 236 -10.84 15.49 11.97
N HIS A 237 -10.78 14.16 11.92
CA HIS A 237 -11.41 13.32 12.93
C HIS A 237 -10.44 12.43 13.69
N TYR A 238 -9.17 12.79 13.68
CA TYR A 238 -8.19 11.97 14.39
C TYR A 238 -8.39 12.13 15.91
N GLN A 239 -8.59 11.00 16.57
CA GLN A 239 -8.88 10.96 18.00
C GLN A 239 -8.11 9.81 18.61
N PRO A 240 -6.94 10.11 19.19
CA PRO A 240 -6.16 9.04 19.80
C PRO A 240 -6.99 8.29 20.83
N GLY A 241 -6.84 6.97 20.89
CA GLY A 241 -7.47 6.19 21.93
C GLY A 241 -8.63 5.35 21.41
N VAL A 242 -9.08 5.62 20.19
CA VAL A 242 -10.09 4.76 19.57
C VAL A 242 -9.62 4.35 18.18
N VAL A 243 -10.26 3.36 17.61
CA VAL A 243 -9.94 2.91 16.26
C VAL A 243 -10.39 3.95 15.25
N GLN A 244 -9.48 4.42 14.40
CA GLN A 244 -9.83 5.40 13.37
C GLN A 244 -10.54 4.74 12.21
N ASP A 245 -11.48 5.46 11.61
CA ASP A 245 -12.13 5.00 10.40
C ASP A 245 -11.12 4.89 9.27
N SER A 246 -11.30 3.87 8.44
CA SER A 246 -10.57 3.76 7.19
C SER A 246 -11.13 4.77 6.23
N PHE A 247 -10.30 5.69 5.75
CA PHE A 247 -10.77 6.74 4.87
C PHE A 247 -11.49 6.12 3.68
N ASP A 248 -10.91 5.08 3.12
CA ASP A 248 -11.43 4.50 1.90
C ASP A 248 -12.39 3.33 2.12
N LYS A 249 -12.15 2.50 3.14
CA LYS A 249 -12.92 1.26 3.24
C LYS A 249 -13.98 1.20 4.35
N GLN A 250 -14.28 2.32 4.99
CA GLN A 250 -15.16 2.21 6.16
C GLN A 250 -16.61 1.96 5.73
N PHE A 251 -17.04 2.54 4.63
CA PHE A 251 -18.38 2.20 4.11
C PHE A 251 -18.53 0.70 3.89
N VAL A 252 -17.56 0.10 3.23
CA VAL A 252 -17.52 -1.35 3.02
C VAL A 252 -17.52 -2.12 4.33
N ARG A 253 -16.66 -1.73 5.26
CA ARG A 253 -16.60 -2.42 6.53
C ARG A 253 -17.94 -2.35 7.25
N ASN A 254 -18.49 -1.14 7.34
CA ASN A 254 -19.71 -0.94 8.13
C ASN A 254 -20.88 -1.71 7.55
N TRP A 255 -20.95 -1.80 6.22
CA TRP A 255 -22.06 -2.53 5.62
C TRP A 255 -21.93 -4.04 5.85
N LEU A 256 -20.72 -4.56 5.65
CA LEU A 256 -20.44 -6.00 5.81
C LEU A 256 -20.77 -6.46 7.23
N THR A 257 -20.48 -5.62 8.22
CA THR A 257 -20.65 -5.99 9.61
C THR A 257 -21.93 -5.44 10.21
N GLY A 258 -22.78 -4.87 9.37
CA GLY A 258 -24.02 -4.28 9.83
C GLY A 258 -25.20 -5.22 9.61
N PRO A 259 -26.42 -4.72 9.89
CA PRO A 259 -27.63 -5.54 9.91
C PRO A 259 -28.19 -5.93 8.54
N GLU A 260 -27.65 -5.38 7.45
CA GLU A 260 -28.21 -5.62 6.12
C GLU A 260 -27.45 -6.63 5.28
N SER A 261 -26.24 -6.99 5.69
CA SER A 261 -25.41 -7.88 4.88
C SER A 261 -25.81 -9.35 5.04
N GLY A 262 -26.31 -9.70 6.22
CA GLY A 262 -26.60 -11.09 6.54
C GLY A 262 -25.35 -11.91 6.78
N TRP A 263 -24.22 -11.23 6.93
CA TRP A 263 -22.93 -11.91 7.08
C TRP A 263 -22.35 -11.78 8.49
N ASP A 264 -21.84 -12.89 9.00
CA ASP A 264 -21.16 -12.91 10.29
C ASP A 264 -19.65 -12.99 10.08
N ARG A 265 -18.96 -11.89 10.32
CA ARG A 265 -17.51 -11.80 10.14
C ARG A 265 -16.75 -12.91 10.84
N ALA A 266 -17.17 -13.22 12.07
CA ALA A 266 -16.49 -14.22 12.89
C ALA A 266 -16.60 -15.63 12.30
N SER A 267 -17.53 -15.81 11.37
CA SER A 267 -17.78 -17.11 10.80
C SER A 267 -16.74 -17.50 9.74
N ASP A 268 -15.89 -16.53 9.39
CA ASP A 268 -14.77 -16.74 8.47
C ASP A 268 -15.21 -17.30 7.10
N THR A 269 -16.51 -17.20 6.81
CA THR A 269 -17.00 -17.59 5.50
C THR A 269 -16.91 -16.38 4.59
N PRO A 270 -16.66 -16.60 3.29
CA PRO A 270 -16.50 -15.47 2.37
C PRO A 270 -17.70 -14.54 2.41
N PRO A 271 -17.44 -13.23 2.56
CA PRO A 271 -18.50 -12.23 2.66
C PRO A 271 -19.30 -12.13 1.38
N PRO A 272 -20.54 -11.65 1.47
CA PRO A 272 -21.41 -11.48 0.31
C PRO A 272 -21.01 -10.27 -0.54
N PRO A 273 -21.57 -10.16 -1.74
CA PRO A 273 -21.28 -8.99 -2.57
C PRO A 273 -21.79 -7.71 -1.93
N LEU A 274 -21.17 -6.59 -2.27
CA LEU A 274 -21.55 -5.28 -1.75
C LEU A 274 -22.69 -4.69 -2.56
N PRO A 275 -23.54 -3.87 -1.91
CA PRO A 275 -24.48 -3.04 -2.67
C PRO A 275 -23.76 -2.16 -3.68
N ASP A 276 -24.32 -1.98 -4.87
CA ASP A 276 -23.73 -1.06 -5.83
C ASP A 276 -23.48 0.31 -5.22
N GLU A 277 -24.41 0.79 -4.40
CA GLU A 277 -24.31 2.08 -3.75
C GLU A 277 -23.04 2.20 -2.92
N VAL A 278 -22.69 1.12 -2.23
CA VAL A 278 -21.50 1.12 -1.39
C VAL A 278 -20.26 1.17 -2.28
N ALA A 279 -20.30 0.47 -3.41
CA ALA A 279 -19.14 0.46 -4.31
C ALA A 279 -18.93 1.84 -4.92
N VAL A 280 -20.01 2.49 -5.34
CA VAL A 280 -19.93 3.86 -5.87
C VAL A 280 -19.42 4.83 -4.79
N ALA A 281 -19.94 4.72 -3.57
CA ALA A 281 -19.51 5.62 -2.50
C ALA A 281 -18.04 5.43 -2.21
N THR A 282 -17.58 4.19 -2.38
CA THR A 282 -16.18 3.86 -2.10
C THR A 282 -15.28 4.48 -3.17
N ARG A 283 -15.69 4.39 -4.43
CA ARG A 283 -14.98 5.05 -5.52
C ARG A 283 -14.83 6.55 -5.25
N GLU A 284 -15.87 7.17 -4.72
CA GLU A 284 -15.81 8.60 -4.42
C GLU A 284 -14.79 8.91 -3.33
N ARG A 285 -14.70 8.04 -2.33
CA ARG A 285 -13.69 8.20 -1.29
C ARG A 285 -12.28 8.15 -1.87
N TYR A 286 -12.06 7.22 -2.81
CA TYR A 286 -10.75 7.12 -3.45
C TYR A 286 -10.44 8.37 -4.25
N ILE A 287 -11.42 8.86 -5.00
CA ILE A 287 -11.20 10.08 -5.78
C ILE A 287 -10.94 11.28 -4.89
N GLU A 288 -11.70 11.39 -3.80
CA GLU A 288 -11.51 12.49 -2.85
C GLU A 288 -10.11 12.46 -2.25
N ALA A 289 -9.68 11.29 -1.80
CA ALA A 289 -8.33 11.17 -1.24
C ALA A 289 -7.26 11.52 -2.27
N TYR A 290 -7.40 10.98 -3.48
CA TYR A 290 -6.47 11.28 -4.56
C TYR A 290 -6.37 12.76 -4.87
N GLU A 291 -7.51 13.40 -5.12
CA GLU A 291 -7.50 14.81 -5.48
C GLU A 291 -7.02 15.70 -4.35
N ARG A 292 -7.35 15.38 -3.11
CA ARG A 292 -6.87 16.19 -1.99
C ARG A 292 -5.36 16.12 -1.90
N ILE A 293 -4.80 14.91 -1.97
CA ILE A 293 -3.36 14.76 -1.80
C ILE A 293 -2.56 15.26 -2.99
N SER A 294 -3.04 14.99 -4.20
CA SER A 294 -2.25 15.32 -5.39
C SER A 294 -2.46 16.77 -5.82
N GLY A 295 -3.60 17.34 -5.46
CA GLY A 295 -3.99 18.64 -5.97
C GLY A 295 -4.32 18.58 -7.45
N LEU A 296 -4.53 17.37 -7.95
CA LEU A 296 -4.91 17.15 -9.34
C LEU A 296 -6.36 16.67 -9.46
N SER A 297 -6.84 16.60 -10.69
CA SER A 297 -8.18 16.11 -10.96
C SER A 297 -8.11 14.72 -11.55
N PHE A 298 -8.87 13.78 -10.98
CA PHE A 298 -8.83 12.40 -11.48
C PHE A 298 -9.43 12.32 -12.87
N SER A 299 -10.28 13.28 -13.21
CA SER A 299 -10.86 13.32 -14.55
C SER A 299 -9.81 13.50 -15.64
N ASP A 300 -8.62 13.96 -15.25
CA ASP A 300 -7.53 14.13 -16.21
C ASP A 300 -6.66 12.88 -16.33
N TRP A 301 -6.84 11.93 -15.42
CA TRP A 301 -6.02 10.72 -15.42
C TRP A 301 -6.41 9.81 -16.58
N ILE A 302 -5.40 9.24 -17.24
CA ILE A 302 -5.66 8.42 -18.43
C ILE A 302 -6.47 7.17 -18.10
N GLY A 303 -7.20 6.67 -19.09
CA GLY A 303 -7.93 5.44 -18.96
C GLY A 303 -8.31 4.93 -20.34
N PRO A 304 -9.08 3.83 -20.39
CA PRO A 304 -9.54 3.26 -21.67
C PRO A 304 -10.46 4.23 -22.41
C10 Q0Z B . 7.27 -7.27 -7.27
C13 Q0Z B . 4.20 -7.93 -6.72
C15 Q0Z B . 2.29 -8.82 -7.86
C17 Q0Z B . 2.82 -6.46 -8.10
C21 Q0Z B . 8.02 -9.23 -8.07
N01 Q0Z B . 10.44 -3.87 -10.35
C02 Q0Z B . 10.35 -5.26 -10.01
N03 Q0Z B . 11.29 -6.10 -10.47
C04 Q0Z B . 11.25 -7.40 -10.17
N05 Q0Z B . 10.27 -7.89 -9.46
C06 Q0Z B . 9.27 -7.15 -8.95
C07 Q0Z B . 9.27 -5.75 -9.24
CL1 Q0Z B . 8.06 -4.65 -8.67
C09 Q0Z B . 8.20 -7.85 -8.12
N11 Q0Z B . 6.56 -8.27 -6.74
C12 Q0Z B . 5.45 -8.11 -5.82
C14 Q0Z B . 3.39 -9.02 -7.02
C16 Q0Z B . 1.99 -7.55 -8.40
C18 Q0Z B . 3.92 -6.66 -7.26
F19 Q0Z B . 1.48 -9.83 -8.15
N20 Q0Z B . 6.98 -9.46 -7.21
S SO4 C . -0.70 -4.35 10.23
O1 SO4 C . 0.63 -4.68 9.75
O2 SO4 C . -1.62 -4.25 9.11
O3 SO4 C . -0.68 -3.07 10.94
O4 SO4 C . -1.17 -5.38 11.13
C1 EDO D . 1.23 -1.70 7.20
O1 EDO D . 0.47 -2.92 7.08
C2 EDO D . 0.67 -0.72 6.18
O2 EDO D . -0.70 -0.43 6.51
#